data_1O86
#
_entry.id   1O86
#
_cell.length_a   56.470
_cell.length_b   84.900
_cell.length_c   133.990
_cell.angle_alpha   90.00
_cell.angle_beta   90.00
_cell.angle_gamma   90.00
#
_symmetry.space_group_name_H-M   'P 21 21 21'
#
loop_
_entity.id
_entity.type
_entity.pdbx_description
1 polymer 'ANGIOTENSIN CONVERTING ENZYME'
2 non-polymer GLYCINE
3 non-polymer 'ZINC ION'
4 non-polymer [N2-[(S)-1-CARBOXY-3-PHENYLPROPYL]-L-LYSYL-L-PROLINE
5 non-polymer 'CHLORIDE ION'
6 water water
#
_entity_poly.entity_id   1
_entity_poly.type   'polypeptide(L)'
_entity_poly.pdbx_seq_one_letter_code
;LVTDEAEASKFVEEYDRTSQVVWNEYAEANWNYNTNITTETSKILLQKNMQIANHTLKYGTQARKFDVNQLQNTTIKRII
KKVQDLERAALPAQELEEYNKILLDMETTYSVATVCHPNGSCLQLEPDLTNVMATSRKYEDLLWAWEGWRDKAGRAILQF
YPKYVELINQAARLNGYVDAGDSWRSMYETPSLEQDLERLFQELQPLYLNLHAYVRRALHRHYGAQHINLEGPIPAHLLG
NMWAQTWSNIYDLVVPFPSAPSMDTTEAMLKQGWTPRRMFKEADDFFTSLGLLPVPPEFWNKSMLEKPTDGREVVCHASA
WDFYNGKDFRIKQCTTVNLEDLVVAHHEMGHIQYFMQYKDLPVALREGANPGFHEAIGDVLALSVSTPKHLHSLNLLSSE
GGSDEHDINFLMKMALDKIAFIPFSYLVDQWRWRVFDGSITKENYNQEWWSLRLKYQGLCPPVPRTQGDFDPGAKFHIPS
SVPYIRYFVSFIIQFQFHEALCQAAGHTGPLHKCDIYQSKEAGQRLATAMKLGFSRPWPEAMQLITGQPNMSASAMLSYF
KPLLDWLRTENELHGEKLGWPQYNWTPNS
;
_entity_poly.pdbx_strand_id   A
#
# COMPACT_ATOMS: atom_id res chain seq x y z
N ASP A 4 -31.53 0.23 -28.96
CA ASP A 4 -31.14 0.13 -27.53
C ASP A 4 -29.62 0.05 -27.39
N GLU A 5 -29.01 -0.76 -28.25
CA GLU A 5 -27.55 -0.93 -28.24
C GLU A 5 -26.91 0.36 -28.72
N ALA A 6 -27.59 1.06 -29.62
CA ALA A 6 -27.09 2.32 -30.16
C ALA A 6 -27.12 3.40 -29.08
N GLU A 7 -28.19 3.39 -28.28
CA GLU A 7 -28.32 4.34 -27.19
C GLU A 7 -27.23 4.10 -26.16
N ALA A 8 -26.86 2.83 -26.01
CA ALA A 8 -25.83 2.42 -25.05
C ALA A 8 -24.43 2.95 -25.37
N SER A 9 -23.98 2.75 -26.61
CA SER A 9 -22.65 3.21 -27.00
C SER A 9 -22.57 4.73 -26.96
N LYS A 10 -23.69 5.38 -27.26
CA LYS A 10 -23.77 6.84 -27.24
C LYS A 10 -23.68 7.31 -25.79
N PHE A 11 -24.35 6.60 -24.90
CA PHE A 11 -24.31 6.94 -23.48
C PHE A 11 -22.88 6.85 -22.98
N VAL A 12 -22.22 5.75 -23.32
CA VAL A 12 -20.83 5.54 -22.90
C VAL A 12 -19.92 6.66 -23.38
N GLU A 13 -20.09 7.09 -24.63
CA GLU A 13 -19.29 8.18 -25.18
C GLU A 13 -19.52 9.47 -24.41
N GLU A 14 -20.79 9.80 -24.14
CA GLU A 14 -21.12 11.02 -23.42
C GLU A 14 -20.57 10.94 -21.99
N TYR A 15 -20.73 9.78 -21.37
CA TYR A 15 -20.24 9.59 -20.02
C TYR A 15 -18.72 9.81 -19.98
N ASP A 16 -18.00 9.24 -20.94
CA ASP A 16 -16.55 9.37 -20.97
C ASP A 16 -16.05 10.80 -21.17
N ARG A 17 -16.58 11.51 -22.16
CA ARG A 17 -16.12 12.88 -22.39
C ARG A 17 -16.46 13.83 -21.27
N THR A 18 -17.63 13.67 -20.65
CA THR A 18 -18.02 14.54 -19.55
C THR A 18 -17.28 14.19 -18.26
N SER A 19 -16.99 12.91 -18.06
CA SER A 19 -16.29 12.46 -16.86
C SER A 19 -14.88 13.03 -16.80
N GLN A 20 -14.18 13.00 -17.93
CA GLN A 20 -12.82 13.52 -18.01
C GLN A 20 -12.73 14.94 -17.48
N VAL A 21 -13.67 15.78 -17.89
CA VAL A 21 -13.67 17.17 -17.46
C VAL A 21 -13.96 17.32 -15.97
N VAL A 22 -15.05 16.72 -15.51
CA VAL A 22 -15.42 16.81 -14.09
C VAL A 22 -14.37 16.17 -13.17
N TRP A 23 -13.85 15.01 -13.57
CA TRP A 23 -12.85 14.33 -12.75
C TRP A 23 -11.53 15.12 -12.75
N ASN A 24 -11.22 15.76 -13.86
CA ASN A 24 -9.98 16.54 -13.92
C ASN A 24 -10.08 17.72 -12.95
N GLU A 25 -11.24 18.36 -12.91
CA GLU A 25 -11.45 19.48 -12.02
C GLU A 25 -11.41 19.06 -10.56
N TYR A 26 -11.99 17.90 -10.26
CA TYR A 26 -11.99 17.41 -8.89
C TYR A 26 -10.57 17.08 -8.45
N ALA A 27 -9.81 16.46 -9.34
CA ALA A 27 -8.44 16.08 -9.04
C ALA A 27 -7.63 17.32 -8.64
N GLU A 28 -7.92 18.45 -9.30
CA GLU A 28 -7.24 19.71 -9.04
C GLU A 28 -7.50 20.22 -7.62
N ALA A 29 -8.77 20.29 -7.27
CA ALA A 29 -9.16 20.76 -5.94
C ALA A 29 -8.62 19.82 -4.85
N ASN A 30 -8.66 18.53 -5.13
CA ASN A 30 -8.21 17.54 -4.17
C ASN A 30 -6.70 17.68 -3.98
N TRP A 31 -5.99 17.95 -5.08
CA TRP A 31 -4.55 18.11 -5.03
C TRP A 31 -4.18 19.35 -4.22
N ASN A 32 -4.82 20.47 -4.54
CA ASN A 32 -4.53 21.72 -3.85
C ASN A 32 -4.74 21.58 -2.34
N TYR A 33 -5.70 20.77 -1.94
CA TYR A 33 -5.94 20.59 -0.52
C TYR A 33 -4.84 19.73 0.10
N ASN A 34 -4.52 18.62 -0.56
CA ASN A 34 -3.49 17.71 -0.09
C ASN A 34 -2.11 18.38 0.01
N THR A 35 -1.85 19.34 -0.87
CA THR A 35 -0.57 20.03 -0.89
C THR A 35 -0.60 21.41 -0.21
N ASN A 36 -1.71 21.73 0.45
CA ASN A 36 -1.85 23.01 1.15
C ASN A 36 -3.15 23.00 1.94
N ILE A 37 -3.10 22.31 3.09
CA ILE A 37 -4.26 22.19 3.95
C ILE A 37 -4.61 23.53 4.60
N THR A 38 -5.68 24.14 4.09
CA THR A 38 -6.15 25.42 4.61
C THR A 38 -7.68 25.35 4.66
N THR A 39 -8.29 26.22 5.44
CA THR A 39 -9.74 26.22 5.53
C THR A 39 -10.32 26.56 4.15
N GLU A 40 -9.58 27.35 3.37
CA GLU A 40 -10.01 27.74 2.04
C GLU A 40 -10.01 26.56 1.06
N THR A 41 -8.88 25.87 0.94
CA THR A 41 -8.79 24.73 0.03
C THR A 41 -9.78 23.64 0.46
N SER A 42 -10.02 23.52 1.77
CA SER A 42 -10.96 22.53 2.28
C SER A 42 -12.35 22.82 1.73
N LYS A 43 -12.77 24.08 1.89
CA LYS A 43 -14.08 24.53 1.44
C LYS A 43 -14.27 24.28 -0.04
N ILE A 44 -13.27 24.62 -0.85
CA ILE A 44 -13.35 24.42 -2.29
C ILE A 44 -13.45 22.93 -2.65
N LEU A 45 -12.71 22.10 -1.93
CA LEU A 45 -12.75 20.67 -2.19
C LEU A 45 -14.13 20.09 -1.93
N LEU A 46 -14.67 20.39 -0.75
CA LEU A 46 -16.00 19.89 -0.37
C LEU A 46 -17.06 20.34 -1.38
N GLN A 47 -16.85 21.49 -1.99
CA GLN A 47 -17.78 22.02 -2.99
C GLN A 47 -17.60 21.24 -4.29
N LYS A 48 -16.35 20.93 -4.61
CA LYS A 48 -16.05 20.16 -5.80
C LYS A 48 -16.60 18.74 -5.64
N ASN A 49 -16.73 18.31 -4.39
CA ASN A 49 -17.28 16.99 -4.09
C ASN A 49 -18.70 16.92 -4.61
N MET A 50 -19.50 17.90 -4.22
CA MET A 50 -20.90 17.97 -4.61
C MET A 50 -21.06 18.03 -6.13
N GLN A 51 -20.15 18.72 -6.80
CA GLN A 51 -20.22 18.84 -8.25
C GLN A 51 -19.98 17.51 -8.96
N ILE A 52 -18.95 16.79 -8.54
CA ILE A 52 -18.66 15.51 -9.16
C ILE A 52 -19.72 14.48 -8.77
N ALA A 53 -20.31 14.65 -7.60
CA ALA A 53 -21.36 13.73 -7.15
C ALA A 53 -22.60 13.96 -8.02
N ASN A 54 -22.82 15.22 -8.38
CA ASN A 54 -23.94 15.59 -9.22
C ASN A 54 -23.84 14.89 -10.57
N HIS A 55 -22.64 14.91 -11.14
CA HIS A 55 -22.39 14.26 -12.42
C HIS A 55 -22.58 12.75 -12.29
N THR A 56 -22.07 12.19 -11.20
CA THR A 56 -22.18 10.76 -10.96
C THR A 56 -23.64 10.33 -10.87
N LEU A 57 -24.43 11.13 -10.16
CA LEU A 57 -25.85 10.82 -9.99
C LEU A 57 -26.60 10.93 -11.33
N LYS A 58 -26.26 11.94 -12.12
CA LYS A 58 -26.89 12.14 -13.41
C LYS A 58 -26.68 10.94 -14.33
N TYR A 59 -25.43 10.54 -14.50
CA TYR A 59 -25.14 9.42 -15.37
C TYR A 59 -25.42 8.06 -14.73
N GLY A 60 -25.27 7.99 -13.41
CA GLY A 60 -25.54 6.74 -12.73
C GLY A 60 -27.02 6.40 -12.81
N THR A 61 -27.86 7.42 -12.71
CA THR A 61 -29.31 7.23 -12.79
C THR A 61 -29.67 6.75 -14.20
N GLN A 62 -29.04 7.34 -15.21
CA GLN A 62 -29.28 6.96 -16.60
C GLN A 62 -28.84 5.52 -16.86
N ALA A 63 -27.64 5.19 -16.39
CA ALA A 63 -27.06 3.86 -16.57
C ALA A 63 -27.92 2.74 -15.98
N ARG A 64 -28.60 3.04 -14.89
CA ARG A 64 -29.46 2.06 -14.23
C ARG A 64 -30.72 1.76 -15.03
N LYS A 65 -31.04 2.62 -15.99
CA LYS A 65 -32.22 2.43 -16.82
C LYS A 65 -31.98 1.42 -17.92
N PHE A 66 -30.71 1.10 -18.15
CA PHE A 66 -30.35 0.12 -19.19
C PHE A 66 -30.39 -1.28 -18.59
N ASP A 67 -30.91 -2.23 -19.36
CA ASP A 67 -30.95 -3.61 -18.89
C ASP A 67 -29.65 -4.20 -19.42
N VAL A 68 -28.64 -4.23 -18.56
CA VAL A 68 -27.34 -4.76 -18.94
C VAL A 68 -27.42 -6.18 -19.49
N ASN A 69 -28.38 -6.96 -18.99
CA ASN A 69 -28.54 -8.34 -19.44
C ASN A 69 -28.81 -8.44 -20.93
N GLN A 70 -29.42 -7.40 -21.50
CA GLN A 70 -29.76 -7.39 -22.92
C GLN A 70 -28.73 -6.70 -23.81
N LEU A 71 -27.65 -6.17 -23.21
CA LEU A 71 -26.62 -5.49 -23.97
C LEU A 71 -25.67 -6.47 -24.64
N GLN A 72 -25.49 -6.30 -25.95
CA GLN A 72 -24.63 -7.19 -26.73
C GLN A 72 -23.14 -6.92 -26.58
N ASN A 73 -22.72 -5.69 -26.87
CA ASN A 73 -21.31 -5.32 -26.77
C ASN A 73 -20.84 -5.51 -25.32
N THR A 74 -19.84 -6.36 -25.12
CA THR A 74 -19.33 -6.63 -23.78
C THR A 74 -18.65 -5.42 -23.11
N THR A 75 -17.94 -4.62 -23.89
CA THR A 75 -17.26 -3.45 -23.35
C THR A 75 -18.30 -2.44 -22.86
N ILE A 76 -19.32 -2.20 -23.67
CA ILE A 76 -20.39 -1.27 -23.32
C ILE A 76 -21.11 -1.79 -22.08
N LYS A 77 -21.35 -3.10 -22.07
CA LYS A 77 -22.03 -3.79 -21.00
C LYS A 77 -21.24 -3.65 -19.69
N ARG A 78 -19.94 -3.83 -19.77
CA ARG A 78 -19.06 -3.72 -18.62
C ARG A 78 -19.00 -2.29 -18.07
N ILE A 79 -18.89 -1.32 -18.96
CA ILE A 79 -18.83 0.08 -18.55
C ILE A 79 -20.13 0.53 -17.90
N ILE A 80 -21.25 0.21 -18.54
CA ILE A 80 -22.55 0.59 -18.01
C ILE A 80 -22.83 -0.04 -16.65
N LYS A 81 -22.48 -1.31 -16.49
CA LYS A 81 -22.71 -1.98 -15.20
C LYS A 81 -21.94 -1.25 -14.11
N LYS A 82 -20.71 -0.83 -14.43
CA LYS A 82 -19.88 -0.11 -13.47
C LYS A 82 -20.43 1.27 -13.13
N VAL A 83 -20.97 1.97 -14.14
CA VAL A 83 -21.51 3.30 -13.94
C VAL A 83 -22.79 3.29 -13.10
N GLN A 84 -23.46 2.13 -13.01
CA GLN A 84 -24.67 2.01 -12.21
C GLN A 84 -24.34 2.09 -10.70
N ASP A 85 -23.06 1.97 -10.37
CA ASP A 85 -22.61 2.05 -8.97
C ASP A 85 -22.24 3.51 -8.73
N LEU A 86 -23.07 4.22 -7.99
CA LEU A 86 -22.83 5.65 -7.71
C LEU A 86 -21.86 5.89 -6.57
N GLU A 87 -21.53 4.83 -5.84
CA GLU A 87 -20.65 4.96 -4.69
C GLU A 87 -21.25 5.98 -3.75
N ARG A 88 -20.47 6.91 -3.20
CA ARG A 88 -21.03 7.87 -2.25
C ARG A 88 -22.16 8.75 -2.81
N ALA A 89 -22.14 9.00 -4.12
CA ALA A 89 -23.18 9.83 -4.72
C ALA A 89 -24.58 9.23 -4.58
N ALA A 90 -24.68 8.01 -4.08
CA ALA A 90 -25.99 7.38 -3.89
C ALA A 90 -26.67 7.88 -2.64
N LEU A 91 -25.90 8.50 -1.76
CA LEU A 91 -26.44 9.02 -0.50
C LEU A 91 -27.28 10.27 -0.66
N PRO A 92 -28.34 10.42 0.13
CA PRO A 92 -29.19 11.61 0.04
C PRO A 92 -28.27 12.81 0.28
N ALA A 93 -28.58 13.96 -0.31
CA ALA A 93 -27.76 15.16 -0.17
C ALA A 93 -27.24 15.42 1.24
N GLN A 94 -28.11 15.32 2.24
CA GLN A 94 -27.73 15.57 3.62
C GLN A 94 -26.62 14.64 4.10
N GLU A 95 -26.80 13.34 3.88
CA GLU A 95 -25.81 12.35 4.29
C GLU A 95 -24.51 12.49 3.49
N LEU A 96 -24.62 12.84 2.21
CA LEU A 96 -23.43 12.98 1.39
C LEU A 96 -22.51 14.07 1.90
N GLU A 97 -23.07 15.23 2.25
CA GLU A 97 -22.21 16.30 2.74
C GLU A 97 -21.60 15.93 4.08
N GLU A 98 -22.36 15.23 4.92
CA GLU A 98 -21.83 14.83 6.22
C GLU A 98 -20.70 13.81 6.04
N TYR A 99 -20.88 12.88 5.10
CA TYR A 99 -19.88 11.87 4.82
C TYR A 99 -18.60 12.51 4.27
N ASN A 100 -18.75 13.44 3.33
CA ASN A 100 -17.59 14.10 2.76
C ASN A 100 -16.82 14.86 3.82
N LYS A 101 -17.53 15.51 4.73
CA LYS A 101 -16.88 16.27 5.79
C LYS A 101 -16.20 15.32 6.77
N ILE A 102 -16.84 14.18 7.03
CA ILE A 102 -16.29 13.19 7.92
C ILE A 102 -14.93 12.75 7.38
N LEU A 103 -14.89 12.33 6.11
CA LEU A 103 -13.66 11.90 5.48
C LEU A 103 -12.60 12.99 5.54
N LEU A 104 -13.01 14.20 5.21
CA LEU A 104 -12.10 15.34 5.21
C LEU A 104 -11.49 15.53 6.60
N ASP A 105 -12.34 15.52 7.63
CA ASP A 105 -11.86 15.71 9.00
C ASP A 105 -10.93 14.61 9.48
N MET A 106 -11.22 13.36 9.11
CA MET A 106 -10.35 12.26 9.53
C MET A 106 -8.98 12.41 8.89
N GLU A 107 -8.95 12.72 7.60
CA GLU A 107 -7.70 12.88 6.88
C GLU A 107 -6.85 14.01 7.46
N THR A 108 -7.50 15.14 7.72
CA THR A 108 -6.81 16.30 8.26
C THR A 108 -6.27 16.00 9.66
N THR A 109 -7.11 15.43 10.51
CA THR A 109 -6.72 15.09 11.87
C THR A 109 -5.47 14.21 11.87
N TYR A 110 -5.44 13.20 11.01
CA TYR A 110 -4.30 12.29 10.92
C TYR A 110 -3.04 13.00 10.44
N SER A 111 -3.15 13.72 9.32
CA SER A 111 -2.02 14.40 8.72
C SER A 111 -1.41 15.59 9.47
N VAL A 112 -2.09 16.10 10.48
CA VAL A 112 -1.56 17.22 11.23
C VAL A 112 -1.27 16.88 12.69
N ALA A 113 -1.51 15.63 13.07
CA ALA A 113 -1.28 15.21 14.45
C ALA A 113 0.20 15.25 14.80
N THR A 114 0.48 15.64 16.05
CA THR A 114 1.84 15.71 16.54
C THR A 114 1.94 15.13 17.95
N VAL A 115 3.15 14.71 18.32
CA VAL A 115 3.40 14.15 19.64
C VAL A 115 4.46 15.05 20.27
N CYS A 116 4.12 15.66 21.41
CA CYS A 116 5.03 16.58 22.06
C CYS A 116 5.63 16.11 23.38
N HIS A 117 6.79 16.69 23.71
CA HIS A 117 7.49 16.41 24.96
C HIS A 117 7.06 17.50 25.95
N PRO A 118 7.41 17.34 27.23
CA PRO A 118 7.04 18.34 28.25
C PRO A 118 7.51 19.76 27.95
N ASN A 119 8.61 19.88 27.21
CA ASN A 119 9.12 21.20 26.86
C ASN A 119 8.18 21.89 25.87
N GLY A 120 8.38 21.59 24.59
CA GLY A 120 7.58 22.17 23.54
C GLY A 120 7.97 21.50 22.24
N SER A 121 8.86 20.53 22.35
CA SER A 121 9.33 19.79 21.20
C SER A 121 8.24 18.83 20.75
N CYS A 122 7.60 19.17 19.63
CA CYS A 122 6.55 18.33 19.09
C CYS A 122 7.09 17.68 17.83
N LEU A 123 6.79 16.41 17.65
CA LEU A 123 7.25 15.68 16.49
C LEU A 123 6.09 15.30 15.59
N GLN A 124 6.32 15.36 14.29
CA GLN A 124 5.32 14.97 13.31
C GLN A 124 5.65 13.51 12.99
N LEU A 125 4.68 12.79 12.40
CA LEU A 125 4.90 11.40 12.06
C LEU A 125 6.12 11.25 11.15
N GLU A 126 6.11 11.95 10.03
CA GLU A 126 7.23 11.88 9.09
C GLU A 126 7.95 13.23 9.08
N PRO A 127 9.28 13.22 9.24
CA PRO A 127 10.11 12.02 9.41
C PRO A 127 10.48 11.77 10.88
N ASP A 128 10.10 12.71 11.74
CA ASP A 128 10.44 12.64 13.15
C ASP A 128 10.15 11.33 13.89
N LEU A 129 8.86 11.03 14.09
CA LEU A 129 8.51 9.81 14.81
C LEU A 129 8.98 8.57 14.05
N THR A 130 8.95 8.64 12.73
CA THR A 130 9.37 7.54 11.88
C THR A 130 10.85 7.23 12.12
N ASN A 131 11.68 8.27 12.23
CA ASN A 131 13.10 8.09 12.47
C ASN A 131 13.33 7.48 13.85
N VAL A 132 12.59 7.95 14.85
CA VAL A 132 12.73 7.42 16.20
C VAL A 132 12.44 5.92 16.22
N MET A 133 11.36 5.52 15.57
CA MET A 133 10.98 4.10 15.53
C MET A 133 12.03 3.27 14.79
N ALA A 134 12.68 3.89 13.81
CA ALA A 134 13.69 3.19 13.03
C ALA A 134 15.10 3.14 13.62
N THR A 135 15.46 4.13 14.42
CA THR A 135 16.81 4.18 14.96
C THR A 135 17.00 4.00 16.46
N SER A 136 15.99 4.35 17.25
CA SER A 136 16.13 4.18 18.69
C SER A 136 16.21 2.70 19.07
N ARG A 137 17.03 2.41 20.08
CA ARG A 137 17.20 1.05 20.59
C ARG A 137 16.93 1.09 22.10
N LYS A 138 16.20 2.11 22.52
CA LYS A 138 15.85 2.28 23.93
C LYS A 138 14.36 1.99 24.10
N TYR A 139 14.06 0.93 24.84
CA TYR A 139 12.68 0.48 25.08
C TYR A 139 11.71 1.60 25.44
N GLU A 140 12.12 2.47 26.37
CA GLU A 140 11.26 3.56 26.80
C GLU A 140 11.08 4.66 25.76
N ASP A 141 12.12 4.92 24.95
CA ASP A 141 12.01 5.95 23.92
C ASP A 141 11.07 5.47 22.81
N LEU A 142 11.21 4.20 22.44
CA LEU A 142 10.36 3.62 21.41
C LEU A 142 8.91 3.62 21.89
N LEU A 143 8.73 3.32 23.18
CA LEU A 143 7.40 3.27 23.76
C LEU A 143 6.74 4.65 23.75
N TRP A 144 7.53 5.68 24.07
CA TRP A 144 7.02 7.04 24.08
C TRP A 144 6.43 7.40 22.70
N ALA A 145 7.19 7.13 21.66
CA ALA A 145 6.75 7.43 20.29
C ALA A 145 5.58 6.53 19.85
N TRP A 146 5.67 5.25 20.18
CA TRP A 146 4.62 4.28 19.81
C TRP A 146 3.29 4.64 20.46
N GLU A 147 3.30 4.84 21.77
CA GLU A 147 2.12 5.17 22.54
C GLU A 147 1.62 6.59 22.22
N GLY A 148 2.56 7.52 22.13
CA GLY A 148 2.20 8.90 21.84
C GLY A 148 1.47 9.07 20.53
N TRP A 149 1.96 8.43 19.48
CA TRP A 149 1.32 8.54 18.18
C TRP A 149 -0.13 8.05 18.25
N ARG A 150 -0.34 6.97 18.96
CA ARG A 150 -1.68 6.41 19.08
C ARG A 150 -2.57 7.29 19.95
N ASP A 151 -1.99 7.90 20.99
CA ASP A 151 -2.75 8.79 21.87
C ASP A 151 -3.24 10.01 21.11
N LYS A 152 -2.39 10.54 20.23
CA LYS A 152 -2.72 11.74 19.47
C LYS A 152 -3.44 11.53 18.14
N ALA A 153 -3.02 10.56 17.35
CA ALA A 153 -3.68 10.31 16.07
C ALA A 153 -4.83 9.31 16.22
N GLY A 154 -4.54 8.15 16.81
CA GLY A 154 -5.54 7.14 17.00
C GLY A 154 -6.78 7.57 17.76
N ARG A 155 -6.61 8.06 18.98
CA ARG A 155 -7.74 8.49 19.79
C ARG A 155 -8.57 9.59 19.13
N ALA A 156 -7.91 10.47 18.40
CA ALA A 156 -8.58 11.59 17.74
C ALA A 156 -9.47 11.16 16.56
N ILE A 157 -9.25 9.95 16.05
CA ILE A 157 -10.06 9.48 14.93
C ILE A 157 -11.33 8.78 15.42
N LEU A 158 -11.28 8.23 16.63
CA LEU A 158 -12.40 7.51 17.20
C LEU A 158 -13.75 8.22 17.17
N GLN A 159 -13.77 9.53 17.39
CA GLN A 159 -15.05 10.25 17.38
C GLN A 159 -15.72 10.26 16.01
N PHE A 160 -14.95 10.05 14.95
CA PHE A 160 -15.50 10.06 13.59
C PHE A 160 -15.85 8.68 13.01
N TYR A 161 -15.15 7.63 13.43
CA TYR A 161 -15.35 6.31 12.84
C TYR A 161 -16.74 5.68 12.82
N PRO A 162 -17.44 5.64 13.96
CA PRO A 162 -18.77 5.03 13.91
C PRO A 162 -19.68 5.66 12.86
N LYS A 163 -19.63 6.98 12.72
CA LYS A 163 -20.46 7.69 11.74
C LYS A 163 -20.00 7.38 10.33
N TYR A 164 -18.69 7.30 10.16
CA TYR A 164 -18.09 6.98 8.87
C TYR A 164 -18.58 5.59 8.44
N VAL A 165 -18.52 4.62 9.35
CA VAL A 165 -18.95 3.26 9.07
C VAL A 165 -20.43 3.22 8.66
N GLU A 166 -21.25 3.97 9.38
CA GLU A 166 -22.68 4.02 9.09
C GLU A 166 -22.95 4.57 7.67
N LEU A 167 -22.33 5.70 7.35
CA LEU A 167 -22.51 6.32 6.05
C LEU A 167 -21.93 5.55 4.87
N ILE A 168 -20.74 4.99 5.02
CA ILE A 168 -20.14 4.25 3.91
C ILE A 168 -20.91 2.94 3.69
N ASN A 169 -21.44 2.36 4.75
CA ASN A 169 -22.22 1.13 4.62
C ASN A 169 -23.55 1.46 3.94
N GLN A 170 -24.16 2.58 4.33
CA GLN A 170 -25.43 3.01 3.75
C GLN A 170 -25.25 3.20 2.24
N ALA A 171 -24.15 3.86 1.87
CA ALA A 171 -23.86 4.08 0.47
C ALA A 171 -23.75 2.74 -0.25
N ALA A 172 -23.04 1.79 0.38
CA ALA A 172 -22.87 0.48 -0.21
C ALA A 172 -24.21 -0.21 -0.46
N ARG A 173 -25.11 -0.16 0.52
CA ARG A 173 -26.42 -0.79 0.38
C ARG A 173 -27.24 -0.12 -0.72
N LEU A 174 -27.10 1.20 -0.84
CA LEU A 174 -27.83 1.94 -1.86
C LEU A 174 -27.31 1.63 -3.26
N ASN A 175 -26.16 0.95 -3.31
CA ASN A 175 -25.58 0.57 -4.59
C ASN A 175 -25.69 -0.93 -4.87
N GLY A 176 -26.45 -1.63 -4.05
CA GLY A 176 -26.67 -3.06 -4.27
C GLY A 176 -25.85 -4.04 -3.45
N TYR A 177 -24.94 -3.56 -2.62
CA TYR A 177 -24.11 -4.44 -1.80
C TYR A 177 -24.70 -4.58 -0.40
N VAL A 178 -24.21 -5.53 0.39
CA VAL A 178 -24.72 -5.71 1.74
C VAL A 178 -24.04 -4.78 2.75
N ASP A 179 -22.81 -4.36 2.44
CA ASP A 179 -22.06 -3.44 3.29
C ASP A 179 -20.82 -2.94 2.56
N ALA A 180 -20.09 -1.99 3.13
CA ALA A 180 -18.90 -1.44 2.49
C ALA A 180 -17.82 -2.49 2.18
N GLY A 181 -17.65 -3.46 3.06
CA GLY A 181 -16.64 -4.49 2.83
C GLY A 181 -16.96 -5.28 1.56
N ASP A 182 -18.23 -5.63 1.42
CA ASP A 182 -18.71 -6.36 0.26
C ASP A 182 -18.37 -5.55 -0.99
N SER A 183 -18.73 -4.27 -0.96
CA SER A 183 -18.45 -3.37 -2.08
C SER A 183 -16.95 -3.36 -2.44
N TRP A 184 -16.09 -3.21 -1.45
CA TRP A 184 -14.64 -3.20 -1.71
C TRP A 184 -14.12 -4.51 -2.31
N ARG A 185 -14.53 -5.65 -1.75
CA ARG A 185 -14.09 -6.93 -2.26
C ARG A 185 -14.52 -7.15 -3.72
N SER A 186 -15.64 -6.55 -4.11
CA SER A 186 -16.16 -6.71 -5.47
C SER A 186 -15.19 -6.21 -6.54
N MET A 187 -14.27 -5.34 -6.15
CA MET A 187 -13.29 -4.80 -7.11
C MET A 187 -12.43 -5.90 -7.72
N TYR A 188 -12.40 -7.06 -7.08
CA TYR A 188 -11.61 -8.18 -7.59
C TYR A 188 -12.41 -9.11 -8.49
N GLU A 189 -13.74 -8.95 -8.51
CA GLU A 189 -14.60 -9.80 -9.34
C GLU A 189 -14.24 -11.26 -9.16
N THR A 190 -13.99 -11.66 -7.92
CA THR A 190 -13.59 -13.02 -7.61
C THR A 190 -14.36 -13.53 -6.39
N PRO A 191 -15.44 -14.31 -6.62
CA PRO A 191 -16.29 -14.87 -5.58
C PRO A 191 -15.54 -15.68 -4.51
N SER A 192 -14.46 -16.32 -4.91
CA SER A 192 -13.66 -17.14 -3.99
C SER A 192 -12.54 -16.33 -3.32
N LEU A 193 -12.58 -15.02 -3.47
CA LEU A 193 -11.54 -14.15 -2.90
C LEU A 193 -11.11 -14.45 -1.47
N GLU A 194 -12.05 -14.46 -0.53
CA GLU A 194 -11.70 -14.71 0.86
C GLU A 194 -10.98 -16.03 1.09
N GLN A 195 -11.45 -17.09 0.45
CA GLN A 195 -10.79 -18.39 0.60
C GLN A 195 -9.43 -18.38 -0.08
N ASP A 196 -9.35 -17.75 -1.26
CA ASP A 196 -8.09 -17.67 -1.99
C ASP A 196 -7.01 -17.02 -1.16
N LEU A 197 -7.34 -15.87 -0.58
CA LEU A 197 -6.40 -15.11 0.23
C LEU A 197 -6.01 -15.89 1.48
N GLU A 198 -6.96 -16.60 2.07
CA GLU A 198 -6.69 -17.39 3.27
C GLU A 198 -5.68 -18.50 2.95
N ARG A 199 -5.84 -19.18 1.82
CA ARG A 199 -4.92 -20.24 1.43
C ARG A 199 -3.53 -19.67 1.21
N LEU A 200 -3.45 -18.51 0.57
CA LEU A 200 -2.17 -17.87 0.31
C LEU A 200 -1.46 -17.52 1.61
N PHE A 201 -2.22 -16.97 2.57
CA PHE A 201 -1.66 -16.62 3.86
C PHE A 201 -1.09 -17.86 4.56
N GLN A 202 -1.85 -18.94 4.55
CA GLN A 202 -1.43 -20.18 5.19
C GLN A 202 -0.14 -20.75 4.60
N GLU A 203 0.07 -20.57 3.30
CA GLU A 203 1.28 -21.08 2.67
C GLU A 203 2.54 -20.34 3.09
N LEU A 204 2.40 -19.08 3.50
CA LEU A 204 3.55 -18.29 3.93
C LEU A 204 3.76 -18.34 5.45
N GLN A 205 2.93 -19.11 6.13
CA GLN A 205 3.02 -19.26 7.58
C GLN A 205 4.33 -19.85 8.05
N PRO A 206 4.76 -20.97 7.45
CA PRO A 206 6.03 -21.57 7.87
C PRO A 206 7.17 -20.56 7.82
N LEU A 207 7.23 -19.80 6.73
CA LEU A 207 8.27 -18.81 6.55
C LEU A 207 8.13 -17.67 7.57
N TYR A 208 6.92 -17.13 7.73
CA TYR A 208 6.73 -16.04 8.68
C TYR A 208 7.02 -16.48 10.12
N LEU A 209 6.47 -17.62 10.51
CA LEU A 209 6.68 -18.11 11.87
C LEU A 209 8.16 -18.31 12.19
N ASN A 210 8.93 -18.77 11.22
CA ASN A 210 10.35 -18.98 11.44
C ASN A 210 11.08 -17.64 11.54
N LEU A 211 10.69 -16.68 10.72
CA LEU A 211 11.31 -15.37 10.76
C LEU A 211 10.99 -14.72 12.11
N HIS A 212 9.72 -14.86 12.52
CA HIS A 212 9.23 -14.31 13.78
C HIS A 212 10.02 -14.83 14.97
N ALA A 213 10.25 -16.14 15.00
CA ALA A 213 10.99 -16.75 16.10
C ALA A 213 12.46 -16.31 16.12
N TYR A 214 13.07 -16.20 14.94
CA TYR A 214 14.46 -15.78 14.85
C TYR A 214 14.61 -14.33 15.34
N VAL A 215 13.72 -13.46 14.89
CA VAL A 215 13.77 -12.05 15.30
C VAL A 215 13.48 -11.93 16.80
N ARG A 216 12.52 -12.70 17.29
CA ARG A 216 12.18 -12.68 18.71
C ARG A 216 13.42 -13.04 19.54
N ARG A 217 14.21 -14.00 19.07
CA ARG A 217 15.43 -14.42 19.77
C ARG A 217 16.44 -13.27 19.79
N ALA A 218 16.62 -12.60 18.66
CA ALA A 218 17.55 -11.49 18.57
C ALA A 218 17.12 -10.34 19.48
N LEU A 219 15.81 -10.11 19.58
CA LEU A 219 15.29 -9.05 20.44
C LEU A 219 15.52 -9.42 21.91
N HIS A 220 15.38 -10.70 22.21
CA HIS A 220 15.58 -11.21 23.57
C HIS A 220 17.04 -10.90 23.95
N ARG A 221 17.94 -11.12 22.99
CA ARG A 221 19.36 -10.88 23.18
C ARG A 221 19.64 -9.40 23.48
N HIS A 222 18.98 -8.51 22.76
CA HIS A 222 19.20 -7.08 22.93
C HIS A 222 18.43 -6.38 24.06
N TYR A 223 17.13 -6.65 24.17
CA TYR A 223 16.33 -5.99 25.18
C TYR A 223 16.18 -6.70 26.53
N GLY A 224 16.73 -7.90 26.64
CA GLY A 224 16.66 -8.62 27.90
C GLY A 224 15.57 -9.66 28.05
N ALA A 225 15.87 -10.71 28.80
CA ALA A 225 14.93 -11.79 29.04
C ALA A 225 13.67 -11.34 29.78
N GLN A 226 13.79 -10.29 30.58
CA GLN A 226 12.65 -9.78 31.32
C GLN A 226 11.64 -9.04 30.43
N HIS A 227 12.03 -8.75 29.19
CA HIS A 227 11.15 -8.03 28.27
C HIS A 227 10.73 -8.78 27.01
N ILE A 228 11.28 -9.98 26.81
CA ILE A 228 10.94 -10.78 25.66
C ILE A 228 10.63 -12.20 26.08
N ASN A 229 9.41 -12.65 25.82
CA ASN A 229 9.01 -14.01 26.16
C ASN A 229 9.32 -14.87 24.92
N LEU A 230 10.28 -15.78 25.06
CA LEU A 230 10.68 -16.63 23.94
C LEU A 230 9.59 -17.56 23.41
N GLU A 231 8.46 -17.63 24.11
CA GLU A 231 7.34 -18.47 23.65
C GLU A 231 6.08 -17.64 23.50
N GLY A 232 6.24 -16.32 23.46
CA GLY A 232 5.08 -15.45 23.33
C GLY A 232 5.16 -14.43 22.21
N PRO A 233 4.22 -13.49 22.15
CA PRO A 233 4.21 -12.46 21.11
C PRO A 233 5.32 -11.42 21.33
N ILE A 234 5.66 -10.71 20.27
CA ILE A 234 6.70 -9.68 20.31
C ILE A 234 6.08 -8.30 20.55
N PRO A 235 6.66 -7.51 21.48
CA PRO A 235 6.12 -6.18 21.75
C PRO A 235 6.12 -5.38 20.43
N ALA A 236 4.99 -4.77 20.12
CA ALA A 236 4.80 -4.04 18.87
C ALA A 236 5.67 -2.83 18.57
N HIS A 237 6.40 -2.31 19.55
CA HIS A 237 7.23 -1.12 19.29
C HIS A 237 8.70 -1.40 18.98
N LEU A 238 9.09 -2.68 18.94
CA LEU A 238 10.49 -3.04 18.73
C LEU A 238 10.91 -3.45 17.32
N LEU A 239 10.02 -3.33 16.35
CA LEU A 239 10.35 -3.77 14.99
C LEU A 239 10.91 -2.73 14.02
N GLY A 240 11.17 -1.51 14.50
CA GLY A 240 11.75 -0.48 13.67
C GLY A 240 10.78 0.29 12.79
N ASN A 241 9.49 0.02 12.98
CA ASN A 241 8.45 0.67 12.21
C ASN A 241 7.24 0.91 13.10
N MET A 242 6.61 2.08 12.94
CA MET A 242 5.47 2.47 13.75
C MET A 242 4.38 1.41 13.88
N TRP A 243 4.13 0.68 12.79
CA TRP A 243 3.10 -0.34 12.78
C TRP A 243 3.66 -1.77 12.77
N ALA A 244 4.99 -1.86 12.83
CA ALA A 244 5.65 -3.16 12.80
C ALA A 244 5.22 -3.92 11.56
N GLN A 245 4.95 -3.20 10.47
CA GLN A 245 4.52 -3.83 9.22
C GLN A 245 5.71 -4.29 8.41
N THR A 246 6.86 -3.66 8.64
CA THR A 246 8.11 -4.00 7.97
C THR A 246 9.18 -3.91 9.07
N TRP A 247 10.07 -4.89 9.11
CA TRP A 247 11.10 -4.95 10.14
C TRP A 247 12.51 -4.67 9.63
N SER A 248 12.60 -4.11 8.42
CA SER A 248 13.89 -3.82 7.80
C SER A 248 14.85 -3.00 8.66
N ASN A 249 14.29 -2.04 9.41
CA ASN A 249 15.11 -1.16 10.23
C ASN A 249 15.84 -1.76 11.42
N ILE A 250 15.54 -3.00 11.78
CA ILE A 250 16.26 -3.64 12.88
C ILE A 250 17.20 -4.71 12.33
N TYR A 251 17.58 -4.58 11.05
CA TYR A 251 18.49 -5.54 10.41
C TYR A 251 19.78 -5.69 11.22
N ASP A 252 20.28 -4.57 11.74
CA ASP A 252 21.52 -4.56 12.53
C ASP A 252 21.43 -5.46 13.76
N LEU A 253 20.22 -5.65 14.28
CA LEU A 253 20.03 -6.48 15.46
C LEU A 253 19.88 -7.97 15.14
N VAL A 254 19.58 -8.27 13.88
CA VAL A 254 19.36 -9.67 13.49
C VAL A 254 20.24 -10.21 12.35
N VAL A 255 21.26 -9.45 11.95
CA VAL A 255 22.12 -9.87 10.85
C VAL A 255 22.62 -11.32 11.02
N PRO A 256 22.31 -12.19 10.05
CA PRO A 256 22.71 -13.60 10.08
C PRO A 256 24.22 -13.80 10.19
N PHE A 257 24.97 -13.11 9.33
CA PHE A 257 26.43 -13.22 9.36
C PHE A 257 27.03 -11.83 9.50
N PRO A 258 27.17 -11.35 10.76
CA PRO A 258 27.73 -10.03 11.06
C PRO A 258 29.17 -9.82 10.58
N SER A 259 29.90 -10.92 10.37
CA SER A 259 31.27 -10.81 9.89
C SER A 259 31.29 -10.21 8.49
N ALA A 260 30.13 -10.23 7.83
CA ALA A 260 30.00 -9.68 6.49
C ALA A 260 29.28 -8.34 6.60
N PRO A 261 30.01 -7.26 6.93
CA PRO A 261 29.43 -5.92 7.07
C PRO A 261 28.83 -5.38 5.78
N SER A 262 27.75 -4.63 5.91
CA SER A 262 27.08 -4.04 4.78
C SER A 262 27.19 -2.52 4.88
N MET A 263 27.43 -1.86 3.75
CA MET A 263 27.55 -0.42 3.73
C MET A 263 26.33 0.29 4.30
N ASP A 264 26.56 1.49 4.81
CA ASP A 264 25.49 2.31 5.35
C ASP A 264 24.83 2.93 4.12
N THR A 265 23.77 2.29 3.64
CA THR A 265 23.07 2.78 2.44
C THR A 265 22.61 4.22 2.56
N THR A 266 22.00 4.58 3.69
CA THR A 266 21.52 5.95 3.87
C THR A 266 22.72 6.90 3.89
N GLU A 267 23.76 6.53 4.63
CA GLU A 267 24.96 7.36 4.71
C GLU A 267 25.58 7.54 3.32
N ALA A 268 25.51 6.49 2.51
CA ALA A 268 26.06 6.53 1.15
C ALA A 268 25.28 7.51 0.27
N MET A 269 23.95 7.41 0.29
CA MET A 269 23.11 8.30 -0.51
C MET A 269 23.38 9.76 -0.14
N LEU A 270 23.39 10.03 1.16
CA LEU A 270 23.63 11.37 1.66
C LEU A 270 25.07 11.78 1.37
N LYS A 271 26.00 10.86 1.62
CA LYS A 271 27.42 11.11 1.38
C LYS A 271 27.71 11.61 -0.03
N GLN A 272 26.95 11.12 -1.01
CA GLN A 272 27.18 11.56 -2.38
C GLN A 272 26.04 12.36 -2.99
N GLY A 273 25.50 13.26 -2.17
CA GLY A 273 24.43 14.16 -2.59
C GLY A 273 23.18 13.68 -3.31
N TRP A 274 22.65 12.51 -2.94
CA TRP A 274 21.42 12.06 -3.59
C TRP A 274 20.31 12.99 -3.11
N THR A 275 19.37 13.31 -4.00
CA THR A 275 18.25 14.18 -3.65
C THR A 275 16.96 13.48 -4.04
N PRO A 276 15.82 13.96 -3.53
CA PRO A 276 14.55 13.32 -3.89
C PRO A 276 14.39 13.24 -5.41
N ARG A 277 14.82 14.29 -6.11
CA ARG A 277 14.71 14.32 -7.56
C ARG A 277 15.57 13.24 -8.19
N ARG A 278 16.79 13.06 -7.68
CA ARG A 278 17.69 12.03 -8.19
C ARG A 278 16.99 10.68 -8.09
N MET A 279 16.40 10.45 -6.92
CA MET A 279 15.69 9.22 -6.62
C MET A 279 14.61 8.89 -7.65
N PHE A 280 13.76 9.86 -7.98
CA PHE A 280 12.71 9.61 -8.96
C PHE A 280 13.28 9.49 -10.37
N LYS A 281 14.39 10.18 -10.62
CA LYS A 281 15.03 10.12 -11.93
C LYS A 281 15.58 8.70 -12.15
N GLU A 282 16.13 8.11 -11.09
CA GLU A 282 16.66 6.75 -11.21
C GLU A 282 15.51 5.77 -11.50
N ALA A 283 14.39 5.96 -10.81
CA ALA A 283 13.22 5.11 -11.01
C ALA A 283 12.72 5.28 -12.44
N ASP A 284 12.64 6.53 -12.91
CA ASP A 284 12.19 6.80 -14.26
C ASP A 284 13.10 6.07 -15.24
N ASP A 285 14.40 6.08 -14.96
CA ASP A 285 15.38 5.42 -15.83
C ASP A 285 15.16 3.90 -15.89
N PHE A 286 14.82 3.29 -14.77
CA PHE A 286 14.60 1.85 -14.76
C PHE A 286 13.41 1.52 -15.67
N PHE A 287 12.32 2.27 -15.55
CA PHE A 287 11.16 2.00 -16.42
C PHE A 287 11.50 2.11 -17.91
N THR A 288 12.18 3.19 -18.31
CA THR A 288 12.55 3.35 -19.72
C THR A 288 13.53 2.28 -20.17
N SER A 289 14.35 1.80 -19.24
CA SER A 289 15.34 0.78 -19.58
C SER A 289 14.59 -0.49 -20.01
N LEU A 290 13.40 -0.68 -19.47
CA LEU A 290 12.56 -1.83 -19.81
C LEU A 290 11.77 -1.55 -21.09
N GLY A 291 11.94 -0.35 -21.64
CA GLY A 291 11.21 0.00 -22.83
C GLY A 291 9.87 0.61 -22.47
N LEU A 292 9.63 0.84 -21.18
CA LEU A 292 8.37 1.43 -20.74
C LEU A 292 8.41 2.96 -20.91
N LEU A 293 7.28 3.60 -20.63
CA LEU A 293 7.15 5.06 -20.81
C LEU A 293 7.80 5.94 -19.75
N PRO A 294 8.39 7.06 -20.19
CA PRO A 294 9.01 7.97 -19.25
C PRO A 294 7.91 8.90 -18.75
N VAL A 295 8.07 9.47 -17.55
CA VAL A 295 7.05 10.37 -17.06
C VAL A 295 7.18 11.65 -17.90
N PRO A 296 6.05 12.30 -18.20
CA PRO A 296 6.04 13.54 -18.99
C PRO A 296 6.79 14.69 -18.33
N PRO A 297 7.30 15.64 -19.12
CA PRO A 297 8.03 16.77 -18.57
C PRO A 297 7.19 17.48 -17.51
N GLU A 298 5.89 17.55 -17.75
CA GLU A 298 4.94 18.19 -16.85
C GLU A 298 4.98 17.58 -15.45
N PHE A 299 5.34 16.31 -15.37
CA PHE A 299 5.44 15.59 -14.10
C PHE A 299 6.44 16.25 -13.16
N TRP A 300 7.62 16.55 -13.70
CA TRP A 300 8.68 17.17 -12.90
C TRP A 300 8.32 18.58 -12.44
N ASN A 301 7.48 19.26 -13.23
CA ASN A 301 7.08 20.62 -12.90
C ASN A 301 5.95 20.72 -11.87
N LYS A 302 5.00 19.78 -11.91
CA LYS A 302 3.88 19.83 -10.99
C LYS A 302 3.92 18.92 -9.76
N SER A 303 4.79 17.93 -9.77
CA SER A 303 4.87 17.02 -8.63
C SER A 303 5.47 17.68 -7.40
N MET A 304 5.11 17.17 -6.23
CA MET A 304 5.64 17.67 -4.96
C MET A 304 6.47 16.52 -4.42
N LEU A 305 7.75 16.52 -4.73
CA LEU A 305 8.65 15.46 -4.29
C LEU A 305 9.35 15.75 -2.96
N GLU A 306 9.14 16.94 -2.42
CA GLU A 306 9.75 17.32 -1.14
C GLU A 306 8.72 17.92 -0.21
N LYS A 307 8.96 17.79 1.10
CA LYS A 307 8.06 18.37 2.07
C LYS A 307 8.21 19.87 1.93
N PRO A 308 7.10 20.60 1.72
CA PRO A 308 7.18 22.05 1.58
C PRO A 308 7.74 22.73 2.84
N THR A 309 8.49 23.80 2.64
CA THR A 309 9.09 24.54 3.75
C THR A 309 8.70 26.01 3.64
N ASP A 310 7.46 26.27 3.24
CA ASP A 310 6.99 27.63 3.09
C ASP A 310 5.81 27.96 4.01
N GLY A 311 5.69 27.20 5.10
CA GLY A 311 4.62 27.45 6.05
C GLY A 311 3.33 26.69 5.84
N ARG A 312 3.17 26.03 4.68
CA ARG A 312 1.94 25.29 4.44
C ARG A 312 2.01 23.83 4.89
N GLU A 313 0.89 23.36 5.44
CA GLU A 313 0.78 21.99 5.93
C GLU A 313 0.26 21.15 4.77
N VAL A 314 0.74 19.91 4.65
CA VAL A 314 0.32 19.03 3.57
C VAL A 314 0.12 17.60 4.03
N VAL A 315 -0.40 16.77 3.14
CA VAL A 315 -0.56 15.34 3.44
C VAL A 315 0.73 14.74 2.91
N CYS A 316 1.61 14.33 3.82
CA CYS A 316 2.88 13.76 3.40
C CYS A 316 2.82 12.35 2.83
N HIS A 317 1.93 11.52 3.37
CA HIS A 317 1.81 10.13 2.90
C HIS A 317 1.87 10.03 1.37
N ALA A 318 2.97 9.46 0.88
CA ALA A 318 3.19 9.30 -0.55
C ALA A 318 2.03 8.75 -1.37
N SER A 319 1.75 9.38 -2.51
CA SER A 319 0.69 8.93 -3.40
C SER A 319 0.92 9.43 -4.82
N ALA A 320 0.35 8.70 -5.79
CA ALA A 320 0.46 9.03 -7.20
C ALA A 320 -0.90 9.51 -7.67
N TRP A 321 -0.90 10.50 -8.54
CA TRP A 321 -2.15 11.09 -9.03
C TRP A 321 -2.35 11.10 -10.54
N ASP A 322 -3.57 10.73 -10.95
CA ASP A 322 -3.96 10.71 -12.35
C ASP A 322 -4.99 11.84 -12.48
N PHE A 323 -4.72 12.83 -13.34
CA PHE A 323 -5.65 13.95 -13.50
C PHE A 323 -6.65 13.78 -14.64
N TYR A 324 -6.75 12.55 -15.11
CA TYR A 324 -7.66 12.13 -16.17
C TYR A 324 -7.72 12.92 -17.48
N ASN A 325 -6.58 13.43 -17.93
CA ASN A 325 -6.55 14.15 -19.20
C ASN A 325 -5.47 13.52 -20.07
N GLY A 326 -4.97 12.36 -19.62
CA GLY A 326 -3.95 11.63 -20.33
C GLY A 326 -2.64 12.38 -20.49
N LYS A 327 -2.48 13.48 -19.77
CA LYS A 327 -1.26 14.27 -19.87
C LYS A 327 -0.64 14.63 -18.52
N ASP A 328 -1.51 14.94 -17.56
CA ASP A 328 -1.08 15.37 -16.23
C ASP A 328 -1.09 14.26 -15.17
N PHE A 329 0.10 13.83 -14.75
CA PHE A 329 0.25 12.80 -13.72
C PHE A 329 1.26 13.36 -12.72
N ARG A 330 1.04 13.12 -11.44
CA ARG A 330 1.95 13.65 -10.43
C ARG A 330 2.11 12.76 -9.22
N ILE A 331 3.19 12.99 -8.48
CA ILE A 331 3.46 12.26 -7.26
C ILE A 331 3.58 13.28 -6.13
N LYS A 332 3.00 12.94 -4.98
CA LYS A 332 3.03 13.80 -3.80
C LYS A 332 3.67 12.97 -2.69
N GLN A 333 4.91 13.33 -2.35
CA GLN A 333 5.66 12.60 -1.35
C GLN A 333 6.67 13.50 -0.64
N CYS A 334 6.65 13.49 0.69
CA CYS A 334 7.62 14.29 1.45
C CYS A 334 8.81 13.35 1.52
N THR A 335 9.46 13.18 0.38
CA THR A 335 10.59 12.29 0.21
C THR A 335 11.74 12.52 1.17
N THR A 336 12.24 11.41 1.72
CA THR A 336 13.38 11.42 2.62
C THR A 336 14.47 10.67 1.88
N VAL A 337 15.71 11.13 2.00
CA VAL A 337 16.81 10.49 1.32
C VAL A 337 17.38 9.27 2.05
N ASN A 338 16.85 8.10 1.70
CA ASN A 338 17.29 6.82 2.26
C ASN A 338 16.77 5.70 1.36
N LEU A 339 17.25 4.49 1.58
CA LEU A 339 16.86 3.35 0.77
C LEU A 339 15.36 3.05 0.85
N GLU A 340 14.79 3.14 2.04
CA GLU A 340 13.37 2.85 2.22
C GLU A 340 12.51 3.72 1.31
N ASP A 341 12.81 5.00 1.23
CA ASP A 341 12.03 5.90 0.39
C ASP A 341 12.37 5.76 -1.09
N LEU A 342 13.53 5.17 -1.39
CA LEU A 342 13.91 4.96 -2.78
C LEU A 342 12.96 3.89 -3.32
N VAL A 343 12.64 2.92 -2.48
CA VAL A 343 11.72 1.86 -2.87
C VAL A 343 10.32 2.47 -3.03
N VAL A 344 9.94 3.35 -2.10
CA VAL A 344 8.64 4.01 -2.17
C VAL A 344 8.52 4.81 -3.48
N ALA A 345 9.58 5.50 -3.86
CA ALA A 345 9.58 6.29 -5.08
C ALA A 345 9.27 5.37 -6.27
N HIS A 346 9.85 4.18 -6.28
CA HIS A 346 9.61 3.23 -7.35
C HIS A 346 8.16 2.75 -7.29
N HIS A 347 7.68 2.50 -6.07
CA HIS A 347 6.30 2.06 -5.88
C HIS A 347 5.35 3.05 -6.53
N GLU A 348 5.53 4.34 -6.20
CA GLU A 348 4.68 5.39 -6.74
C GLU A 348 4.85 5.58 -8.24
N MET A 349 6.07 5.44 -8.74
CA MET A 349 6.32 5.59 -10.17
C MET A 349 5.63 4.45 -10.91
N GLY A 350 5.44 3.32 -10.21
CA GLY A 350 4.76 2.19 -10.81
C GLY A 350 3.32 2.59 -11.09
N HIS A 351 2.72 3.35 -10.18
CA HIS A 351 1.34 3.81 -10.34
C HIS A 351 1.26 4.75 -11.56
N ILE A 352 2.21 5.67 -11.65
CA ILE A 352 2.26 6.62 -12.76
C ILE A 352 2.37 5.87 -14.09
N GLN A 353 3.21 4.85 -14.13
CA GLN A 353 3.39 4.06 -15.35
C GLN A 353 2.05 3.46 -15.76
N TYR A 354 1.34 2.89 -14.80
CA TYR A 354 0.03 2.29 -15.07
C TYR A 354 -0.92 3.36 -15.63
N PHE A 355 -0.95 4.53 -15.00
CA PHE A 355 -1.80 5.64 -15.46
C PHE A 355 -1.54 5.92 -16.94
N MET A 356 -0.26 6.03 -17.29
CA MET A 356 0.13 6.33 -18.66
C MET A 356 -0.18 5.22 -19.65
N GLN A 357 -0.01 3.97 -19.24
CA GLN A 357 -0.26 2.83 -20.10
C GLN A 357 -1.72 2.67 -20.54
N TYR A 358 -2.67 2.98 -19.65
CA TYR A 358 -4.08 2.84 -20.00
C TYR A 358 -4.84 4.15 -20.20
N LYS A 359 -4.10 5.24 -20.38
CA LYS A 359 -4.71 6.56 -20.55
C LYS A 359 -5.70 6.70 -21.71
N ASP A 360 -5.63 5.81 -22.68
CA ASP A 360 -6.53 5.89 -23.83
C ASP A 360 -7.79 5.05 -23.74
N LEU A 361 -7.96 4.34 -22.63
CA LEU A 361 -9.14 3.53 -22.46
C LEU A 361 -10.25 4.38 -21.89
N PRO A 362 -11.51 3.92 -22.03
CA PRO A 362 -12.62 4.71 -21.48
C PRO A 362 -12.31 4.88 -19.98
N VAL A 363 -12.56 6.07 -19.46
CA VAL A 363 -12.28 6.39 -18.07
C VAL A 363 -12.77 5.35 -17.04
N ALA A 364 -13.94 4.76 -17.29
CA ALA A 364 -14.48 3.76 -16.36
C ALA A 364 -13.61 2.52 -16.29
N LEU A 365 -12.75 2.34 -17.29
CA LEU A 365 -11.88 1.18 -17.32
C LEU A 365 -10.42 1.56 -17.04
N ARG A 366 -10.20 2.79 -16.59
CA ARG A 366 -8.84 3.23 -16.29
C ARG A 366 -8.44 2.87 -14.85
N GLU A 367 -8.24 1.57 -14.63
CA GLU A 367 -7.83 1.04 -13.34
C GLU A 367 -6.96 -0.19 -13.60
N GLY A 368 -6.33 -0.72 -12.56
CA GLY A 368 -5.51 -1.91 -12.74
C GLY A 368 -6.40 -3.13 -12.92
N ALA A 369 -5.83 -4.24 -13.39
CA ALA A 369 -6.59 -5.48 -13.59
C ALA A 369 -7.43 -5.68 -12.32
N ASN A 370 -6.80 -5.41 -11.18
CA ASN A 370 -7.46 -5.41 -9.87
C ASN A 370 -6.55 -4.50 -9.05
N PRO A 371 -7.03 -4.00 -7.90
CA PRO A 371 -6.17 -3.10 -7.11
C PRO A 371 -4.77 -3.61 -6.82
N GLY A 372 -4.62 -4.93 -6.64
CA GLY A 372 -3.33 -5.51 -6.36
C GLY A 372 -2.31 -5.29 -7.47
N PHE A 373 -2.76 -5.38 -8.72
CA PHE A 373 -1.87 -5.17 -9.87
C PHE A 373 -1.30 -3.76 -9.83
N HIS A 374 -2.15 -2.78 -9.58
CA HIS A 374 -1.71 -1.39 -9.54
C HIS A 374 -0.60 -1.21 -8.50
N GLU A 375 -0.72 -1.91 -7.38
CA GLU A 375 0.25 -1.81 -6.30
C GLU A 375 1.55 -2.58 -6.58
N ALA A 376 1.47 -3.65 -7.36
CA ALA A 376 2.65 -4.48 -7.64
C ALA A 376 3.71 -3.97 -8.62
N ILE A 377 3.29 -3.23 -9.64
CA ILE A 377 4.20 -2.73 -10.67
C ILE A 377 5.51 -2.12 -10.18
N GLY A 378 5.43 -1.04 -9.40
CA GLY A 378 6.63 -0.41 -8.90
C GLY A 378 7.49 -1.33 -8.04
N ASP A 379 6.85 -2.15 -7.22
CA ASP A 379 7.56 -3.06 -6.33
C ASP A 379 8.38 -4.08 -7.11
N VAL A 380 7.87 -4.52 -8.25
CA VAL A 380 8.57 -5.49 -9.08
C VAL A 380 9.93 -4.94 -9.47
N LEU A 381 9.95 -3.72 -10.01
CA LEU A 381 11.21 -3.10 -10.40
C LEU A 381 12.12 -2.89 -9.20
N ALA A 382 11.54 -2.42 -8.10
CA ALA A 382 12.30 -2.18 -6.88
C ALA A 382 12.97 -3.46 -6.37
N LEU A 383 12.39 -4.62 -6.67
CA LEU A 383 12.99 -5.89 -6.25
C LEU A 383 14.38 -5.99 -6.90
N SER A 384 14.45 -5.67 -8.19
CA SER A 384 15.71 -5.72 -8.91
C SER A 384 16.67 -4.65 -8.40
N VAL A 385 16.14 -3.45 -8.14
CA VAL A 385 16.94 -2.35 -7.63
C VAL A 385 17.62 -2.70 -6.31
N SER A 386 16.90 -3.43 -5.46
CA SER A 386 17.40 -3.83 -4.14
C SER A 386 18.55 -4.82 -4.12
N THR A 387 18.77 -5.54 -5.22
CA THR A 387 19.85 -6.52 -5.26
C THR A 387 21.19 -5.88 -4.94
N PRO A 388 22.03 -6.58 -4.15
CA PRO A 388 23.34 -6.04 -3.80
C PRO A 388 24.08 -5.49 -5.01
N LYS A 389 24.13 -6.28 -6.08
CA LYS A 389 24.82 -5.88 -7.29
C LYS A 389 24.26 -4.60 -7.89
N HIS A 390 22.93 -4.47 -7.91
CA HIS A 390 22.33 -3.27 -8.49
C HIS A 390 22.66 -2.04 -7.63
N LEU A 391 22.56 -2.20 -6.31
CA LEU A 391 22.85 -1.11 -5.39
C LEU A 391 24.30 -0.67 -5.57
N HIS A 392 25.19 -1.64 -5.82
CA HIS A 392 26.60 -1.34 -6.01
C HIS A 392 26.77 -0.54 -7.30
N SER A 393 25.93 -0.81 -8.30
CA SER A 393 26.02 -0.09 -9.57
C SER A 393 25.60 1.37 -9.36
N LEU A 394 24.85 1.63 -8.29
CA LEU A 394 24.42 2.98 -7.96
C LEU A 394 25.44 3.60 -7.02
N ASN A 395 26.44 2.78 -6.65
CA ASN A 395 27.52 3.18 -5.76
C ASN A 395 27.02 3.36 -4.32
N LEU A 396 26.06 2.51 -3.93
CA LEU A 396 25.49 2.56 -2.58
C LEU A 396 25.90 1.36 -1.76
N LEU A 397 26.52 0.39 -2.42
CA LEU A 397 27.02 -0.82 -1.76
C LEU A 397 28.41 -1.13 -2.30
N SER A 398 29.18 -1.91 -1.54
CA SER A 398 30.53 -2.26 -1.95
C SER A 398 30.67 -3.76 -2.13
N SER A 403 28.21 -15.30 -3.12
CA SER A 403 28.60 -15.72 -1.79
C SER A 403 27.43 -16.13 -0.93
N ASP A 404 27.51 -17.33 -0.36
CA ASP A 404 26.45 -17.87 0.48
C ASP A 404 26.04 -16.94 1.63
N GLU A 405 26.99 -16.61 2.49
CA GLU A 405 26.71 -15.75 3.63
C GLU A 405 26.16 -14.38 3.25
N HIS A 406 26.57 -13.88 2.09
CA HIS A 406 26.07 -12.59 1.65
C HIS A 406 24.64 -12.78 1.13
N ASP A 407 24.35 -13.96 0.59
CA ASP A 407 23.02 -14.25 0.09
C ASP A 407 22.02 -14.28 1.23
N ILE A 408 22.37 -14.99 2.30
CA ILE A 408 21.50 -15.11 3.46
C ILE A 408 21.28 -13.75 4.09
N ASN A 409 22.33 -12.94 4.16
CA ASN A 409 22.21 -11.59 4.73
C ASN A 409 21.23 -10.77 3.87
N PHE A 410 21.35 -10.87 2.56
CA PHE A 410 20.48 -10.13 1.65
C PHE A 410 19.05 -10.64 1.74
N LEU A 411 18.89 -11.97 1.72
CA LEU A 411 17.56 -12.55 1.81
C LEU A 411 16.89 -12.17 3.13
N MET A 412 17.69 -12.05 4.19
CA MET A 412 17.14 -11.66 5.48
C MET A 412 16.63 -10.23 5.40
N LYS A 413 17.42 -9.36 4.78
CA LYS A 413 17.02 -7.97 4.64
C LYS A 413 15.72 -7.87 3.85
N MET A 414 15.58 -8.70 2.82
CA MET A 414 14.39 -8.69 1.98
C MET A 414 13.19 -9.25 2.74
N ALA A 415 13.43 -10.30 3.52
CA ALA A 415 12.37 -10.94 4.29
C ALA A 415 11.84 -10.02 5.39
N LEU A 416 12.72 -9.26 6.02
CA LEU A 416 12.31 -8.35 7.08
C LEU A 416 11.28 -7.37 6.53
N ASP A 417 11.31 -7.14 5.23
CA ASP A 417 10.36 -6.24 4.61
C ASP A 417 9.16 -7.00 4.04
N LYS A 418 9.41 -7.84 3.04
CA LYS A 418 8.37 -8.60 2.36
C LYS A 418 7.61 -9.67 3.15
N ILE A 419 8.32 -10.50 3.91
CA ILE A 419 7.66 -11.56 4.68
C ILE A 419 6.94 -11.02 5.91
N ALA A 420 7.60 -10.12 6.64
CA ALA A 420 6.99 -9.53 7.83
C ALA A 420 5.68 -8.82 7.50
N PHE A 421 5.60 -8.27 6.29
CA PHE A 421 4.42 -7.52 5.84
C PHE A 421 3.20 -8.39 5.54
N ILE A 422 3.42 -9.63 5.14
CA ILE A 422 2.33 -10.53 4.80
C ILE A 422 1.19 -10.60 5.83
N PRO A 423 1.48 -10.96 7.09
CA PRO A 423 0.40 -11.02 8.07
C PRO A 423 -0.25 -9.66 8.35
N PHE A 424 0.52 -8.58 8.34
CA PHE A 424 -0.05 -7.26 8.58
C PHE A 424 -0.99 -6.85 7.45
N SER A 425 -0.54 -7.02 6.20
CA SER A 425 -1.37 -6.62 5.06
C SER A 425 -2.65 -7.46 4.95
N TYR A 426 -2.63 -8.64 5.54
CA TYR A 426 -3.78 -9.54 5.52
C TYR A 426 -4.79 -9.10 6.58
N LEU A 427 -4.25 -8.76 7.75
CA LEU A 427 -5.02 -8.34 8.91
C LEU A 427 -5.85 -7.07 8.82
N VAL A 428 -5.33 -6.03 8.19
CA VAL A 428 -6.05 -4.76 8.13
C VAL A 428 -7.50 -4.87 7.69
N ASP A 429 -7.76 -5.43 6.51
CA ASP A 429 -9.14 -5.53 6.06
C ASP A 429 -9.92 -6.67 6.69
N GLN A 430 -9.25 -7.64 7.31
CA GLN A 430 -9.99 -8.71 7.97
C GLN A 430 -10.74 -7.97 9.09
N TRP A 431 -10.09 -6.97 9.67
CA TRP A 431 -10.69 -6.16 10.73
C TRP A 431 -11.79 -5.26 10.17
N ARG A 432 -11.49 -4.54 9.10
CA ARG A 432 -12.48 -3.64 8.50
C ARG A 432 -13.70 -4.36 7.93
N TRP A 433 -13.49 -5.54 7.31
CA TRP A 433 -14.62 -6.29 6.76
C TRP A 433 -15.60 -6.65 7.87
N ARG A 434 -15.06 -6.95 9.05
CA ARG A 434 -15.90 -7.32 10.18
C ARG A 434 -16.51 -6.10 10.85
N VAL A 435 -15.90 -4.94 10.66
CA VAL A 435 -16.45 -3.71 11.20
C VAL A 435 -17.63 -3.37 10.29
N PHE A 436 -17.39 -3.45 8.98
CA PHE A 436 -18.41 -3.15 7.99
C PHE A 436 -19.63 -4.08 8.07
N ASP A 437 -19.42 -5.39 8.23
CA ASP A 437 -20.55 -6.31 8.31
C ASP A 437 -21.22 -6.32 9.69
N GLY A 438 -20.74 -5.46 10.59
CA GLY A 438 -21.33 -5.37 11.92
C GLY A 438 -20.89 -6.38 12.97
N SER A 439 -19.93 -7.22 12.64
CA SER A 439 -19.43 -8.22 13.59
C SER A 439 -18.65 -7.55 14.73
N ILE A 440 -18.06 -6.40 14.44
CA ILE A 440 -17.29 -5.65 15.43
C ILE A 440 -17.96 -4.30 15.64
N THR A 441 -18.40 -4.01 16.86
CA THR A 441 -19.05 -2.74 17.18
C THR A 441 -18.00 -1.78 17.72
N LYS A 442 -18.36 -0.51 17.85
CA LYS A 442 -17.41 0.48 18.36
C LYS A 442 -16.97 0.16 19.79
N GLU A 443 -17.66 -0.78 20.43
CA GLU A 443 -17.30 -1.17 21.79
C GLU A 443 -16.08 -2.11 21.74
N ASN A 444 -15.94 -2.83 20.63
CA ASN A 444 -14.86 -3.78 20.48
C ASN A 444 -13.85 -3.49 19.36
N TYR A 445 -13.89 -2.28 18.82
CA TYR A 445 -12.96 -1.90 17.76
C TYR A 445 -11.52 -2.31 18.07
N ASN A 446 -10.98 -1.71 19.13
CA ASN A 446 -9.62 -1.93 19.53
C ASN A 446 -9.27 -3.33 19.99
N GLN A 447 -10.14 -3.93 20.80
CA GLN A 447 -9.88 -5.27 21.30
C GLN A 447 -9.82 -6.30 20.15
N GLU A 448 -10.65 -6.11 19.14
CA GLU A 448 -10.65 -7.04 18.00
C GLU A 448 -9.45 -6.77 17.11
N TRP A 449 -8.99 -5.52 17.10
CA TRP A 449 -7.82 -5.17 16.32
C TRP A 449 -6.62 -5.90 16.90
N TRP A 450 -6.47 -5.84 18.22
CA TRP A 450 -5.36 -6.53 18.85
C TRP A 450 -5.46 -8.05 18.84
N SER A 451 -6.69 -8.58 18.80
CA SER A 451 -6.84 -10.02 18.73
C SER A 451 -6.28 -10.49 17.39
N LEU A 452 -6.42 -9.65 16.37
CA LEU A 452 -5.91 -10.00 15.05
C LEU A 452 -4.40 -9.77 14.98
N ARG A 453 -3.94 -8.68 15.59
CA ARG A 453 -2.51 -8.37 15.63
C ARG A 453 -1.77 -9.56 16.24
N LEU A 454 -2.39 -10.16 17.25
CA LEU A 454 -1.81 -11.33 17.92
C LEU A 454 -1.92 -12.56 17.03
N LYS A 455 -3.13 -12.87 16.61
CA LYS A 455 -3.39 -14.05 15.79
C LYS A 455 -2.55 -14.15 14.52
N TYR A 456 -2.46 -13.05 13.78
CA TYR A 456 -1.71 -13.06 12.53
C TYR A 456 -0.24 -12.66 12.61
N GLN A 457 0.06 -11.56 13.29
CA GLN A 457 1.44 -11.10 13.42
C GLN A 457 2.21 -11.61 14.63
N GLY A 458 1.49 -12.09 15.64
CA GLY A 458 2.15 -12.57 16.84
C GLY A 458 2.76 -11.41 17.61
N LEU A 459 2.03 -10.29 17.66
CA LEU A 459 2.50 -9.11 18.37
C LEU A 459 1.57 -8.79 19.52
N CYS A 460 2.10 -8.07 20.51
CA CYS A 460 1.33 -7.64 21.66
C CYS A 460 1.62 -6.17 21.91
N PRO A 461 0.64 -5.44 22.48
CA PRO A 461 0.88 -4.02 22.75
C PRO A 461 1.80 -3.88 23.96
N PRO A 462 2.86 -3.06 23.85
CA PRO A 462 3.79 -2.87 24.96
C PRO A 462 3.11 -2.23 26.17
N VAL A 463 2.02 -1.51 25.91
CA VAL A 463 1.25 -0.87 26.96
C VAL A 463 -0.19 -1.35 26.83
N PRO A 464 -0.79 -1.81 27.94
CA PRO A 464 -2.18 -2.28 27.86
C PRO A 464 -3.10 -1.18 27.32
N ARG A 465 -3.98 -1.56 26.40
CA ARG A 465 -4.89 -0.59 25.81
C ARG A 465 -6.03 -0.30 26.78
N THR A 466 -6.58 0.91 26.71
CA THR A 466 -7.68 1.31 27.59
C THR A 466 -8.84 1.87 26.79
N GLN A 467 -9.99 1.98 27.43
CA GLN A 467 -11.18 2.50 26.77
C GLN A 467 -10.85 3.91 26.25
N GLY A 468 -11.12 4.14 24.97
CA GLY A 468 -10.81 5.43 24.40
C GLY A 468 -9.74 5.28 23.32
N ASP A 469 -8.96 4.22 23.39
CA ASP A 469 -7.92 3.99 22.39
C ASP A 469 -8.55 3.48 21.10
N PHE A 470 -7.96 3.86 19.98
CA PHE A 470 -8.43 3.43 18.66
C PHE A 470 -7.17 3.38 17.82
N ASP A 471 -6.36 2.36 18.09
CA ASP A 471 -5.10 2.19 17.40
C ASP A 471 -5.22 2.09 15.88
N PRO A 472 -6.31 1.49 15.36
CA PRO A 472 -6.42 1.42 13.90
C PRO A 472 -6.38 2.82 13.28
N GLY A 473 -6.93 3.80 14.00
CA GLY A 473 -6.96 5.16 13.50
C GLY A 473 -5.58 5.77 13.36
N ALA A 474 -4.58 5.12 13.95
CA ALA A 474 -3.20 5.59 13.89
C ALA A 474 -2.48 5.08 12.64
N LYS A 475 -3.21 4.40 11.77
CA LYS A 475 -2.65 3.89 10.52
C LYS A 475 -3.34 4.64 9.37
N PHE A 476 -2.56 5.36 8.59
CA PHE A 476 -3.05 6.18 7.47
C PHE A 476 -4.31 5.71 6.75
N HIS A 477 -4.26 4.51 6.19
CA HIS A 477 -5.37 3.96 5.41
C HIS A 477 -6.74 3.87 6.08
N ILE A 478 -6.75 3.82 7.41
CA ILE A 478 -8.02 3.74 8.13
C ILE A 478 -8.76 5.06 8.04
N PRO A 479 -8.19 6.16 8.57
CA PRO A 479 -8.93 7.42 8.47
C PRO A 479 -9.05 7.92 7.02
N SER A 480 -8.13 7.50 6.16
CA SER A 480 -8.17 7.92 4.75
C SER A 480 -9.10 7.05 3.92
N SER A 481 -9.65 6.02 4.53
CA SER A 481 -10.58 5.11 3.85
C SER A 481 -10.02 4.53 2.55
N VAL A 482 -8.80 4.01 2.61
CA VAL A 482 -8.16 3.39 1.46
C VAL A 482 -8.09 1.88 1.75
N PRO A 483 -8.70 1.04 0.89
CA PRO A 483 -8.68 -0.41 1.08
C PRO A 483 -7.25 -0.93 1.23
N TYR A 484 -7.06 -1.97 2.03
CA TYR A 484 -5.71 -2.49 2.28
C TYR A 484 -5.36 -3.86 1.69
N ILE A 485 -6.36 -4.70 1.43
CA ILE A 485 -6.09 -6.03 0.91
C ILE A 485 -5.27 -6.01 -0.38
N ARG A 486 -5.34 -4.89 -1.11
CA ARG A 486 -4.58 -4.72 -2.34
C ARG A 486 -3.07 -4.92 -2.09
N TYR A 487 -2.62 -4.60 -0.88
CA TYR A 487 -1.20 -4.73 -0.54
C TYR A 487 -0.81 -6.18 -0.28
N PHE A 488 -1.74 -6.95 0.28
CA PHE A 488 -1.48 -8.37 0.53
C PHE A 488 -1.39 -9.05 -0.85
N VAL A 489 -2.36 -8.77 -1.70
CA VAL A 489 -2.40 -9.32 -3.04
C VAL A 489 -1.10 -8.92 -3.77
N SER A 490 -0.76 -7.64 -3.68
CA SER A 490 0.44 -7.13 -4.32
C SER A 490 1.72 -7.87 -3.93
N PHE A 491 1.94 -8.07 -2.64
CA PHE A 491 3.16 -8.73 -2.20
C PHE A 491 3.30 -10.16 -2.68
N ILE A 492 2.18 -10.83 -2.89
CA ILE A 492 2.22 -12.21 -3.39
C ILE A 492 2.51 -12.20 -4.89
N ILE A 493 1.69 -11.48 -5.64
CA ILE A 493 1.84 -11.44 -7.09
C ILE A 493 3.09 -10.73 -7.61
N GLN A 494 3.64 -9.80 -6.84
CA GLN A 494 4.84 -9.13 -7.32
C GLN A 494 5.99 -10.12 -7.47
N PHE A 495 6.01 -11.16 -6.63
CA PHE A 495 7.05 -12.17 -6.73
C PHE A 495 6.74 -13.08 -7.92
N GLN A 496 5.45 -13.26 -8.21
CA GLN A 496 5.06 -14.07 -9.36
C GLN A 496 5.52 -13.33 -10.62
N PHE A 497 5.38 -12.00 -10.60
CA PHE A 497 5.78 -11.18 -11.74
C PHE A 497 7.31 -11.17 -11.89
N HIS A 498 8.00 -11.05 -10.77
CA HIS A 498 9.46 -11.04 -10.75
C HIS A 498 9.98 -12.35 -11.36
N GLU A 499 9.40 -13.47 -10.93
CA GLU A 499 9.80 -14.78 -11.43
C GLU A 499 9.62 -14.89 -12.96
N ALA A 500 8.43 -14.52 -13.45
CA ALA A 500 8.15 -14.60 -14.88
C ALA A 500 9.01 -13.66 -15.72
N LEU A 501 9.16 -12.41 -15.27
CA LEU A 501 9.94 -11.43 -16.00
C LEU A 501 11.42 -11.84 -16.05
N CYS A 502 11.89 -12.45 -14.97
CA CYS A 502 13.27 -12.90 -14.90
C CYS A 502 13.49 -14.04 -15.90
N GLN A 503 12.52 -14.94 -15.99
CA GLN A 503 12.59 -16.06 -16.91
C GLN A 503 12.56 -15.49 -18.33
N ALA A 504 11.68 -14.52 -18.57
CA ALA A 504 11.56 -13.90 -19.89
C ALA A 504 12.84 -13.16 -20.24
N ALA A 505 13.56 -12.70 -19.23
CA ALA A 505 14.80 -11.97 -19.45
C ALA A 505 16.00 -12.90 -19.62
N GLY A 506 15.75 -14.21 -19.51
CA GLY A 506 16.82 -15.17 -19.66
C GLY A 506 17.63 -15.46 -18.41
N HIS A 507 17.16 -14.99 -17.26
CA HIS A 507 17.88 -15.21 -16.01
C HIS A 507 17.86 -16.69 -15.59
N THR A 508 18.99 -17.16 -15.08
CA THR A 508 19.11 -18.53 -14.62
C THR A 508 19.76 -18.50 -13.25
N GLY A 509 19.53 -19.54 -12.46
CA GLY A 509 20.10 -19.58 -11.13
C GLY A 509 19.11 -19.05 -10.12
N PRO A 510 19.53 -18.86 -8.86
CA PRO A 510 18.65 -18.36 -7.80
C PRO A 510 17.85 -17.13 -8.21
N LEU A 511 16.55 -17.18 -7.98
CA LEU A 511 15.66 -16.08 -8.33
C LEU A 511 16.05 -14.76 -7.66
N HIS A 512 16.52 -14.83 -6.41
CA HIS A 512 16.87 -13.61 -5.70
C HIS A 512 18.06 -12.85 -6.29
N LYS A 513 18.80 -13.49 -7.19
CA LYS A 513 19.95 -12.84 -7.81
C LYS A 513 19.56 -12.15 -9.12
N CYS A 514 18.29 -12.25 -9.49
CA CYS A 514 17.82 -11.64 -10.73
C CYS A 514 17.66 -10.12 -10.68
N ASP A 515 18.07 -9.48 -11.78
CA ASP A 515 17.97 -8.03 -11.95
C ASP A 515 17.48 -7.86 -13.39
N ILE A 516 16.22 -7.43 -13.54
CA ILE A 516 15.67 -7.27 -14.88
C ILE A 516 16.00 -5.94 -15.53
N TYR A 517 16.96 -5.21 -14.97
CA TYR A 517 17.32 -3.91 -15.55
C TYR A 517 17.55 -4.01 -17.06
N GLN A 518 16.91 -3.08 -17.77
CA GLN A 518 16.91 -2.91 -19.23
C GLN A 518 16.48 -4.08 -20.11
N SER A 519 15.76 -5.02 -19.53
CA SER A 519 15.24 -6.16 -20.29
C SER A 519 13.98 -5.71 -21.04
N LYS A 520 14.04 -5.75 -22.37
CA LYS A 520 12.89 -5.34 -23.17
C LYS A 520 11.79 -6.40 -23.16
N GLU A 521 12.18 -7.66 -23.03
CA GLU A 521 11.22 -8.75 -22.98
C GLU A 521 10.36 -8.61 -21.73
N ALA A 522 11.01 -8.25 -20.62
CA ALA A 522 10.30 -8.07 -19.35
C ALA A 522 9.34 -6.89 -19.50
N GLY A 523 9.85 -5.76 -19.96
CA GLY A 523 9.02 -4.59 -20.12
C GLY A 523 7.81 -4.82 -21.02
N GLN A 524 7.97 -5.63 -22.06
CA GLN A 524 6.88 -5.90 -22.99
C GLN A 524 5.70 -6.63 -22.34
N ARG A 525 6.00 -7.56 -21.44
CA ARG A 525 4.92 -8.29 -20.78
C ARG A 525 4.15 -7.37 -19.85
N LEU A 526 4.87 -6.50 -19.14
CA LEU A 526 4.22 -5.58 -18.23
C LEU A 526 3.36 -4.59 -19.00
N ALA A 527 3.85 -4.13 -20.13
CA ALA A 527 3.11 -3.16 -20.95
C ALA A 527 1.80 -3.73 -21.49
N THR A 528 1.87 -4.90 -22.12
CA THR A 528 0.66 -5.51 -22.67
C THR A 528 -0.40 -5.70 -21.57
N ALA A 529 0.06 -6.07 -20.38
CA ALA A 529 -0.84 -6.28 -19.25
C ALA A 529 -1.43 -4.98 -18.74
N MET A 530 -0.59 -3.97 -18.53
CA MET A 530 -1.06 -2.68 -18.04
C MET A 530 -2.04 -2.01 -19.01
N LYS A 531 -1.81 -2.18 -20.31
CA LYS A 531 -2.66 -1.58 -21.32
C LYS A 531 -4.11 -2.06 -21.24
N LEU A 532 -4.32 -3.24 -20.69
CA LEU A 532 -5.67 -3.79 -20.55
C LEU A 532 -6.47 -3.01 -19.53
N GLY A 533 -5.79 -2.31 -18.63
CA GLY A 533 -6.49 -1.57 -17.61
C GLY A 533 -7.46 -2.47 -16.87
N PHE A 534 -8.71 -2.05 -16.79
CA PHE A 534 -9.76 -2.80 -16.10
C PHE A 534 -10.76 -3.33 -17.13
N SER A 535 -10.31 -3.52 -18.36
CA SER A 535 -11.19 -3.99 -19.44
C SER A 535 -11.50 -5.49 -19.45
N ARG A 536 -10.67 -6.30 -18.81
CA ARG A 536 -10.87 -7.75 -18.79
C ARG A 536 -10.70 -8.32 -17.38
N PRO A 537 -11.22 -9.53 -17.12
CA PRO A 537 -11.07 -10.12 -15.78
C PRO A 537 -9.56 -10.20 -15.52
N TRP A 538 -9.12 -9.87 -14.30
CA TRP A 538 -7.68 -9.86 -14.00
C TRP A 538 -6.90 -11.12 -14.35
N PRO A 539 -7.54 -12.31 -14.31
CA PRO A 539 -6.79 -13.53 -14.64
C PRO A 539 -6.11 -13.47 -16.01
N GLU A 540 -6.66 -12.66 -16.91
CA GLU A 540 -6.07 -12.52 -18.24
C GLU A 540 -4.76 -11.75 -18.18
N ALA A 541 -4.74 -10.68 -17.40
CA ALA A 541 -3.51 -9.90 -17.24
C ALA A 541 -2.49 -10.79 -16.54
N MET A 542 -2.95 -11.59 -15.59
CA MET A 542 -2.06 -12.51 -14.86
C MET A 542 -1.43 -13.49 -15.85
N GLN A 543 -2.24 -14.01 -16.77
CA GLN A 543 -1.77 -14.96 -17.77
C GLN A 543 -0.75 -14.30 -18.70
N LEU A 544 -1.06 -13.09 -19.15
CA LEU A 544 -0.15 -12.36 -20.04
C LEU A 544 1.25 -12.21 -19.46
N ILE A 545 1.32 -11.98 -18.16
CA ILE A 545 2.62 -11.80 -17.50
C ILE A 545 3.30 -13.11 -17.10
N THR A 546 2.56 -14.01 -16.46
CA THR A 546 3.11 -15.26 -15.94
C THR A 546 2.89 -16.55 -16.72
N GLY A 547 2.00 -16.54 -17.72
CA GLY A 547 1.75 -17.76 -18.47
C GLY A 547 0.75 -18.68 -17.82
N GLN A 548 0.18 -18.23 -16.71
CA GLN A 548 -0.84 -19.00 -16.00
C GLN A 548 -1.81 -17.95 -15.42
N PRO A 549 -3.03 -18.36 -15.03
CA PRO A 549 -4.00 -17.38 -14.52
C PRO A 549 -4.25 -17.16 -13.02
N ASN A 550 -3.64 -17.95 -12.15
CA ASN A 550 -3.90 -17.81 -10.72
C ASN A 550 -2.87 -17.04 -9.91
N MET A 551 -3.29 -16.66 -8.70
CA MET A 551 -2.41 -16.00 -7.75
C MET A 551 -1.71 -17.21 -7.14
N SER A 552 -0.46 -17.07 -6.74
CA SER A 552 0.25 -18.20 -6.16
C SER A 552 1.43 -17.74 -5.32
N ALA A 553 1.62 -18.38 -4.17
CA ALA A 553 2.71 -18.06 -3.26
C ALA A 553 4.00 -18.77 -3.66
N SER A 554 3.93 -19.63 -4.68
CA SER A 554 5.10 -20.38 -5.14
C SER A 554 6.32 -19.52 -5.45
N ALA A 555 6.13 -18.45 -6.21
CA ALA A 555 7.22 -17.56 -6.57
C ALA A 555 7.91 -16.97 -5.34
N MET A 556 7.10 -16.45 -4.41
CA MET A 556 7.65 -15.87 -3.19
C MET A 556 8.36 -16.93 -2.35
N LEU A 557 7.80 -18.12 -2.25
CA LEU A 557 8.42 -19.20 -1.49
C LEU A 557 9.75 -19.62 -2.13
N SER A 558 9.75 -19.68 -3.46
CA SER A 558 10.95 -20.05 -4.21
C SER A 558 12.05 -18.99 -4.00
N TYR A 559 11.65 -17.73 -4.04
CA TYR A 559 12.57 -16.61 -3.83
C TYR A 559 13.29 -16.74 -2.48
N PHE A 560 12.53 -17.06 -1.44
CA PHE A 560 13.08 -17.18 -0.09
C PHE A 560 13.48 -18.59 0.37
N LYS A 561 13.39 -19.58 -0.51
CA LYS A 561 13.72 -20.95 -0.14
C LYS A 561 15.05 -21.07 0.63
N PRO A 562 16.13 -20.44 0.13
CA PRO A 562 17.39 -20.54 0.85
C PRO A 562 17.27 -20.01 2.29
N LEU A 563 16.56 -18.91 2.46
CA LEU A 563 16.40 -18.33 3.80
C LEU A 563 15.57 -19.26 4.69
N LEU A 564 14.51 -19.84 4.13
CA LEU A 564 13.66 -20.73 4.91
C LEU A 564 14.50 -21.88 5.48
N ASP A 565 15.36 -22.46 4.64
CA ASP A 565 16.22 -23.56 5.08
C ASP A 565 17.19 -23.09 6.16
N TRP A 566 17.75 -21.91 5.98
CA TRP A 566 18.69 -21.38 6.95
C TRP A 566 17.97 -21.10 8.28
N LEU A 567 16.75 -20.57 8.18
CA LEU A 567 15.96 -20.24 9.36
C LEU A 567 15.56 -21.48 10.17
N ARG A 568 15.19 -22.54 9.48
CA ARG A 568 14.80 -23.76 10.19
C ARG A 568 15.99 -24.35 10.92
N THR A 569 17.14 -24.39 10.26
CA THR A 569 18.35 -24.92 10.88
C THR A 569 18.76 -24.06 12.09
N GLU A 570 18.71 -22.74 11.92
CA GLU A 570 19.09 -21.82 13.01
C GLU A 570 18.12 -21.92 14.19
N ASN A 571 16.82 -21.89 13.91
CA ASN A 571 15.83 -21.96 14.98
C ASN A 571 15.86 -23.32 15.66
N GLU A 572 16.13 -24.37 14.89
CA GLU A 572 16.19 -25.72 15.43
C GLU A 572 17.34 -25.90 16.43
N LEU A 573 18.53 -25.41 16.07
CA LEU A 573 19.66 -25.58 16.97
C LEU A 573 19.51 -24.76 18.25
N HIS A 574 18.67 -23.73 18.21
CA HIS A 574 18.43 -22.91 19.38
C HIS A 574 17.19 -23.37 20.14
N GLY A 575 16.54 -24.41 19.62
CA GLY A 575 15.36 -24.95 20.25
C GLY A 575 14.18 -23.98 20.34
N GLU A 576 13.98 -23.19 19.29
CA GLU A 576 12.88 -22.24 19.29
C GLU A 576 11.54 -22.92 19.18
N LYS A 577 10.55 -22.38 19.90
CA LYS A 577 9.19 -22.89 19.87
C LYS A 577 8.44 -21.91 18.98
N LEU A 578 8.15 -22.32 17.74
CA LEU A 578 7.46 -21.46 16.78
C LEU A 578 6.07 -21.08 17.24
N GLY A 579 5.68 -19.85 16.96
CA GLY A 579 4.35 -19.40 17.34
C GLY A 579 4.29 -18.82 18.74
N TRP A 580 3.06 -18.67 19.24
CA TRP A 580 2.83 -18.09 20.55
C TRP A 580 1.62 -18.72 21.24
N PRO A 581 1.84 -19.87 21.92
CA PRO A 581 0.79 -20.60 22.64
C PRO A 581 0.03 -19.74 23.65
N GLN A 582 0.70 -19.00 24.40
#